data_7DQM
#
_entry.id   7DQM
#
_cell.length_a   61.584
_cell.length_b   67.499
_cell.length_c   103.752
_cell.angle_alpha   90.00
_cell.angle_beta   90.00
_cell.angle_gamma   90.00
#
_symmetry.space_group_name_H-M   'P 21 21 21'
#
loop_
_entity.id
_entity.type
_entity.pdbx_description
1 polymer 'DNA gyrase subunit B'
2 non-polymer 1H-benzimidazol-2-amine
3 non-polymer 'PHOSPHATE ION'
4 non-polymer R-naringenin
5 water water
#
_entity_poly.entity_id   1
_entity_poly.type   'polypeptide(L)'
_entity_poly.pdbx_seq_one_letter_code
;LDAVRKRPGMYIGDTDDGTGLHHMVFEVVDNAIDEALAGHCKEIIVTIHADNSVSVQDDGRGIPTGIHPEEGVSAAEVIM
TVLHAGGKFDDNSYKVSGGLHGVGVSVVNALSQKLELVIQREGKIHRQIYEHGVPQAPLAVTGETEKTGTMVRFWPSLET
FTNVTEFEYEILAKRLRELSFLNSGVSIRLRDKRDGKEDHFHYEGG
;
_entity_poly.pdbx_strand_id   A,B
#
# COMPACT_ATOMS: atom_id res chain seq x y z
N LEU A 1 1.23 -8.56 2.22
CA LEU A 1 0.17 -7.90 1.40
C LEU A 1 0.66 -7.27 0.08
N ASP A 2 1.96 -6.95 -0.02
CA ASP A 2 2.52 -6.35 -1.24
C ASP A 2 2.37 -7.21 -2.51
N ALA A 3 2.37 -8.53 -2.35
CA ALA A 3 2.10 -9.45 -3.47
C ALA A 3 0.68 -9.31 -4.01
N VAL A 4 -0.27 -9.05 -3.12
CA VAL A 4 -1.67 -8.80 -3.49
C VAL A 4 -1.81 -7.43 -4.16
N ARG A 5 -1.18 -6.40 -3.56
CA ARG A 5 -1.23 -5.04 -4.12
C ARG A 5 -0.61 -4.94 -5.52
N LYS A 6 0.41 -5.76 -5.77
CA LYS A 6 1.10 -5.77 -7.06
C LYS A 6 0.25 -6.35 -8.20
N ARG A 7 -0.49 -7.42 -7.90
CA ARG A 7 -1.33 -8.12 -8.89
C ARG A 7 -2.70 -8.42 -8.28
N PRO A 8 -3.53 -7.38 -8.06
CA PRO A 8 -4.81 -7.57 -7.36
C PRO A 8 -5.81 -8.46 -8.09
N GLY A 9 -5.81 -8.41 -9.43
CA GLY A 9 -6.65 -9.27 -10.26
C GLY A 9 -6.47 -10.77 -10.06
N MET A 10 -5.25 -11.19 -9.70
CA MET A 10 -4.94 -12.60 -9.47
C MET A 10 -5.61 -13.19 -8.22
N TYR A 11 -5.87 -12.33 -7.23
CA TYR A 11 -6.47 -12.76 -5.94
C TYR A 11 -7.98 -12.54 -5.87
N ILE A 12 -8.43 -11.33 -6.25
CA ILE A 12 -9.82 -10.92 -6.08
C ILE A 12 -10.70 -11.05 -7.34
N GLY A 13 -10.07 -11.10 -8.52
CA GLY A 13 -10.79 -11.15 -9.80
C GLY A 13 -10.63 -9.83 -10.56
N ASP A 14 -11.17 -9.79 -11.77
CA ASP A 14 -10.97 -8.67 -12.69
C ASP A 14 -11.40 -7.33 -12.07
N THR A 15 -10.44 -6.40 -11.99
CA THR A 15 -10.64 -5.11 -11.31
C THR A 15 -11.30 -4.02 -12.18
N ASP A 16 -11.54 -4.32 -13.46
CA ASP A 16 -12.16 -3.36 -14.39
C ASP A 16 -13.66 -3.63 -14.64
N ASP A 17 -14.04 -4.89 -14.82
CA ASP A 17 -15.41 -5.25 -15.21
C ASP A 17 -16.42 -5.42 -14.06
N GLY A 18 -15.98 -5.26 -12.82
CA GLY A 18 -16.84 -5.38 -11.64
C GLY A 18 -16.80 -6.72 -10.92
N THR A 19 -16.13 -7.71 -11.50
CA THR A 19 -15.96 -9.04 -10.89
C THR A 19 -15.24 -8.93 -9.54
N GLY A 20 -14.09 -8.25 -9.57
CA GLY A 20 -13.27 -8.05 -8.38
C GLY A 20 -13.97 -7.22 -7.31
N LEU A 21 -14.58 -6.12 -7.72
CA LEU A 21 -15.30 -5.22 -6.79
C LEU A 21 -16.34 -5.96 -5.96
N HIS A 22 -17.13 -6.80 -6.61
CA HIS A 22 -18.18 -7.56 -5.93
C HIS A 22 -17.63 -8.76 -5.15
N HIS A 23 -16.55 -9.37 -5.63
CA HIS A 23 -15.89 -10.45 -4.89
C HIS A 23 -15.30 -9.97 -3.55
N MET A 24 -14.97 -8.69 -3.45
CA MET A 24 -14.59 -8.07 -2.17
C MET A 24 -15.67 -8.28 -1.12
N VAL A 25 -16.93 -8.04 -1.51
CA VAL A 25 -18.08 -8.26 -0.61
C VAL A 25 -18.21 -9.75 -0.26
N PHE A 26 -18.06 -10.62 -1.26
CA PHE A 26 -18.25 -12.06 -1.07
C PHE A 26 -17.18 -12.70 -0.16
N GLU A 27 -15.96 -12.16 -0.19
CA GLU A 27 -14.90 -12.60 0.74
C GLU A 27 -15.20 -12.21 2.20
N VAL A 28 -15.76 -11.02 2.40
CA VAL A 28 -16.17 -10.58 3.73
C VAL A 28 -17.40 -11.38 4.19
N VAL A 29 -18.33 -11.64 3.27
CA VAL A 29 -19.51 -12.48 3.56
C VAL A 29 -19.10 -13.91 3.93
N ASP A 30 -18.08 -14.44 3.25
CA ASP A 30 -17.51 -15.75 3.56
C ASP A 30 -17.08 -15.87 5.01
N ASN A 31 -16.30 -14.89 5.47
CA ASN A 31 -15.83 -14.83 6.85
C ASN A 31 -17.00 -14.71 7.83
N ALA A 32 -17.99 -13.90 7.48
CA ALA A 32 -19.19 -13.70 8.30
C ALA A 32 -20.05 -14.96 8.43
N ILE A 33 -20.19 -15.72 7.35
CA ILE A 33 -20.99 -16.96 7.36
C ILE A 33 -20.33 -18.04 8.23
N ASP A 34 -19.01 -18.18 8.14
CA ASP A 34 -18.25 -19.07 9.03
C ASP A 34 -18.42 -18.69 10.51
N GLU A 35 -18.38 -17.38 10.80
CA GLU A 35 -18.61 -16.87 12.15
C GLU A 35 -20.07 -17.01 12.59
N ALA A 36 -21.01 -16.82 11.66
CA ALA A 36 -22.44 -16.93 11.95
C ALA A 36 -22.92 -18.34 12.31
N LEU A 37 -22.12 -19.30 11.91
CA LEU A 37 -22.39 -20.70 12.14
C LEU A 37 -22.08 -21.04 13.58
N ALA A 38 -22.23 -20.07 14.48
CA ALA A 38 -22.02 -20.32 15.90
C ALA A 38 -22.73 -19.32 16.75
N GLY A 39 -23.99 -19.08 16.47
CA GLY A 39 -24.68 -18.05 17.20
C GLY A 39 -26.04 -18.22 17.79
N HIS A 40 -26.58 -17.08 18.17
CA HIS A 40 -27.87 -16.97 18.83
C HIS A 40 -28.86 -16.35 17.92
N CYS A 41 -28.68 -16.64 16.64
CA CYS A 41 -29.53 -16.20 15.55
C CYS A 41 -29.05 -16.78 14.26
N LYS A 42 -27.73 -16.80 14.10
CA LYS A 42 -27.08 -17.17 12.85
C LYS A 42 -27.66 -16.21 11.78
N GLU A 43 -27.36 -14.94 11.92
CA GLU A 43 -27.80 -13.98 10.95
C GLU A 43 -26.68 -13.05 10.52
N ILE A 44 -26.64 -12.74 9.23
CA ILE A 44 -25.72 -11.72 8.72
C ILE A 44 -26.52 -10.60 8.05
N ILE A 45 -25.99 -9.38 8.13
CA ILE A 45 -26.62 -8.20 7.53
C ILE A 45 -25.59 -7.55 6.60
N VAL A 46 -25.86 -7.59 5.30
CA VAL A 46 -25.02 -6.94 4.28
C VAL A 46 -25.69 -5.62 3.91
N THR A 47 -24.99 -4.51 4.13
CA THR A 47 -25.55 -3.17 3.86
C THR A 47 -24.70 -2.42 2.84
N ILE A 48 -25.32 -1.98 1.76
CA ILE A 48 -24.69 -1.06 0.81
C ILE A 48 -24.98 0.35 1.31
N HIS A 49 -23.93 1.06 1.71
CA HIS A 49 -24.07 2.42 2.24
C HIS A 49 -24.06 3.45 1.11
N ALA A 50 -24.54 4.65 1.42
CA ALA A 50 -24.68 5.73 0.43
C ALA A 50 -23.34 6.30 -0.07
N ASP A 51 -22.27 6.13 0.72
CA ASP A 51 -20.91 6.56 0.34
C ASP A 51 -20.10 5.48 -0.42
N ASN A 52 -20.79 4.49 -0.99
CA ASN A 52 -20.18 3.39 -1.75
C ASN A 52 -19.18 2.56 -0.93
N SER A 53 -19.59 2.23 0.30
CA SER A 53 -18.93 1.23 1.12
C SER A 53 -19.94 0.12 1.39
N VAL A 54 -19.44 -1.05 1.77
CA VAL A 54 -20.29 -2.17 2.16
C VAL A 54 -19.89 -2.62 3.55
N SER A 55 -20.87 -2.84 4.42
CA SER A 55 -20.64 -3.40 5.75
C SER A 55 -21.32 -4.75 5.86
N VAL A 56 -20.66 -5.66 6.58
CA VAL A 56 -21.20 -6.99 6.85
C VAL A 56 -21.16 -7.22 8.36
N GLN A 57 -22.32 -7.35 8.98
CA GLN A 57 -22.46 -7.64 10.40
C GLN A 57 -22.80 -9.11 10.57
N ASP A 58 -22.16 -9.78 11.53
CA ASP A 58 -22.62 -11.12 11.97
C ASP A 58 -22.82 -11.10 13.48
N ASP A 59 -23.52 -12.13 13.99
CA ASP A 59 -23.78 -12.27 15.42
C ASP A 59 -23.07 -13.49 16.00
N GLY A 60 -21.87 -13.77 15.50
CA GLY A 60 -21.06 -14.90 15.94
C GLY A 60 -20.32 -14.64 17.24
N ARG A 61 -19.28 -15.43 17.47
CA ARG A 61 -18.48 -15.36 18.69
C ARG A 61 -17.59 -14.12 18.77
N GLY A 62 -17.27 -13.54 17.61
CA GLY A 62 -16.32 -12.43 17.52
C GLY A 62 -14.94 -12.97 17.18
N ILE A 63 -14.21 -12.26 16.31
CA ILE A 63 -12.84 -12.63 15.95
C ILE A 63 -11.97 -12.55 17.22
N PRO A 64 -11.09 -13.55 17.46
CA PRO A 64 -10.17 -13.49 18.61
C PRO A 64 -9.37 -12.18 18.69
N THR A 65 -9.36 -11.58 19.88
CA THR A 65 -8.73 -10.27 20.11
C THR A 65 -7.38 -10.34 20.82
N GLY A 66 -7.09 -11.44 21.51
CA GLY A 66 -5.82 -11.60 22.23
C GLY A 66 -4.58 -11.55 21.36
N ILE A 67 -3.44 -11.28 21.98
CA ILE A 67 -2.19 -11.08 21.25
C ILE A 67 -1.68 -12.41 20.66
N HIS A 68 -1.29 -12.37 19.40
CA HIS A 68 -0.72 -13.52 18.70
C HIS A 68 0.75 -13.66 19.16
N PRO A 69 1.13 -14.84 19.71
CA PRO A 69 2.50 -15.05 20.23
C PRO A 69 3.65 -14.72 19.27
N GLU A 70 3.54 -15.16 18.02
CA GLU A 70 4.59 -14.94 17.02
C GLU A 70 4.63 -13.51 16.48
N GLU A 71 3.48 -13.01 16.04
CA GLU A 71 3.37 -11.69 15.40
C GLU A 71 3.47 -10.53 16.38
N GLY A 72 3.05 -10.74 17.62
CA GLY A 72 3.13 -9.72 18.67
C GLY A 72 2.08 -8.62 18.60
N VAL A 73 1.00 -8.89 17.88
CA VAL A 73 -0.16 -7.97 17.78
C VAL A 73 -1.43 -8.79 17.96
N SER A 74 -2.57 -8.11 18.05
CA SER A 74 -3.86 -8.79 18.22
C SER A 74 -4.09 -9.83 17.11
N ALA A 75 -4.70 -10.95 17.49
CA ALA A 75 -5.01 -12.03 16.53
C ALA A 75 -5.93 -11.55 15.41
N ALA A 76 -6.81 -10.58 15.71
CA ALA A 76 -7.63 -9.92 14.72
C ALA A 76 -6.78 -9.23 13.65
N GLU A 77 -5.75 -8.48 14.08
CA GLU A 77 -4.86 -7.80 13.14
C GLU A 77 -4.07 -8.76 12.25
N VAL A 78 -3.66 -9.91 12.81
CA VAL A 78 -2.96 -10.94 12.03
C VAL A 78 -3.86 -11.45 10.90
N ILE A 79 -5.13 -11.69 11.21
CA ILE A 79 -6.13 -12.10 10.21
C ILE A 79 -6.33 -11.03 9.13
N MET A 80 -6.34 -9.76 9.53
CA MET A 80 -6.52 -8.64 8.59
C MET A 80 -5.26 -8.30 7.76
N THR A 81 -4.07 -8.70 8.21
CA THR A 81 -2.80 -8.25 7.59
C THR A 81 -1.82 -9.33 7.10
N VAL A 82 -2.12 -10.61 7.32
CA VAL A 82 -1.26 -11.72 6.87
C VAL A 82 -2.03 -12.61 5.91
N LEU A 83 -1.38 -13.01 4.82
CA LEU A 83 -2.04 -13.77 3.75
C LEU A 83 -2.16 -15.24 4.14
N ASP A 91 -9.47 -27.59 -7.02
CA ASP A 91 -10.85 -27.89 -6.63
C ASP A 91 -11.09 -27.84 -5.13
N ASN A 92 -10.02 -27.81 -4.32
CA ASN A 92 -10.12 -27.64 -2.87
C ASN A 92 -10.21 -26.17 -2.42
N SER A 93 -10.05 -25.23 -3.35
CA SER A 93 -10.14 -23.79 -3.06
C SER A 93 -11.56 -23.30 -2.74
N TYR A 94 -12.58 -24.01 -3.24
CA TYR A 94 -13.98 -23.58 -3.08
C TYR A 94 -14.45 -23.74 -1.63
N LYS A 95 -15.36 -22.86 -1.22
CA LYS A 95 -15.95 -22.89 0.13
C LYS A 95 -17.47 -22.74 0.05
N VAL A 96 -18.19 -23.44 0.93
CA VAL A 96 -19.65 -23.31 0.99
C VAL A 96 -20.11 -21.93 1.46
N SER A 97 -19.29 -21.27 2.28
CA SER A 97 -19.54 -19.88 2.70
C SER A 97 -19.29 -18.84 1.58
N GLY A 98 -18.63 -19.26 0.49
CA GLY A 98 -18.62 -18.49 -0.77
C GLY A 98 -17.30 -17.84 -1.17
N GLY A 99 -16.33 -17.84 -0.26
CA GLY A 99 -15.00 -17.27 -0.52
C GLY A 99 -14.06 -18.32 -1.07
N LEU A 100 -12.81 -17.92 -1.28
CA LEU A 100 -11.77 -18.82 -1.77
C LEU A 100 -10.69 -18.99 -0.69
N HIS A 101 -10.24 -20.24 -0.50
CA HIS A 101 -9.09 -20.50 0.36
C HIS A 101 -7.85 -19.86 -0.26
N GLY A 102 -7.07 -19.16 0.57
CA GLY A 102 -5.91 -18.39 0.12
C GLY A 102 -6.21 -16.96 -0.30
N VAL A 103 -7.43 -16.48 -0.05
CA VAL A 103 -7.81 -15.09 -0.28
C VAL A 103 -8.19 -14.48 1.07
N GLY A 104 -9.46 -14.54 1.46
CA GLY A 104 -9.90 -14.03 2.76
C GLY A 104 -9.91 -12.52 2.91
N VAL A 105 -10.14 -12.08 4.14
CA VAL A 105 -10.32 -10.66 4.45
C VAL A 105 -9.02 -9.82 4.39
N SER A 106 -7.85 -10.46 4.46
CA SER A 106 -6.57 -9.75 4.34
C SER A 106 -6.40 -9.14 2.94
N VAL A 107 -6.88 -9.85 1.92
CA VAL A 107 -6.89 -9.35 0.54
C VAL A 107 -7.87 -8.17 0.42
N VAL A 108 -9.05 -8.31 1.02
CA VAL A 108 -10.05 -7.23 1.01
C VAL A 108 -9.48 -5.97 1.68
N ASN A 109 -8.86 -6.17 2.83
CA ASN A 109 -8.22 -5.08 3.59
C ASN A 109 -7.13 -4.37 2.77
N ALA A 110 -6.28 -5.14 2.12
CA ALA A 110 -5.19 -4.60 1.27
C ALA A 110 -5.70 -3.71 0.13
N LEU A 111 -6.84 -4.08 -0.46
CA LEU A 111 -7.42 -3.36 -1.60
C LEU A 111 -8.57 -2.42 -1.22
N SER A 112 -8.65 -2.03 0.06
CA SER A 112 -9.63 -1.06 0.53
C SER A 112 -8.90 0.20 1.01
N GLN A 113 -9.32 1.37 0.51
CA GLN A 113 -8.77 2.65 0.98
C GLN A 113 -9.07 2.92 2.46
N LYS A 114 -10.17 2.34 2.96
CA LYS A 114 -10.46 2.31 4.39
C LYS A 114 -11.17 1.00 4.75
N LEU A 115 -10.87 0.47 5.94
CA LEU A 115 -11.61 -0.66 6.50
C LEU A 115 -11.81 -0.46 8.01
N GLU A 116 -13.06 -0.57 8.44
CA GLU A 116 -13.45 -0.45 9.85
C GLU A 116 -13.78 -1.84 10.39
N LEU A 117 -13.11 -2.24 11.47
CA LEU A 117 -13.36 -3.51 12.15
C LEU A 117 -13.96 -3.24 13.53
N VAL A 118 -15.09 -3.87 13.83
CA VAL A 118 -15.71 -3.77 15.15
C VAL A 118 -16.04 -5.18 15.66
N ILE A 119 -15.41 -5.58 16.76
CA ILE A 119 -15.61 -6.92 17.35
C ILE A 119 -16.26 -6.77 18.73
N GLN A 120 -17.37 -7.48 18.92
CA GLN A 120 -18.02 -7.59 20.22
C GLN A 120 -17.73 -8.99 20.75
N ARG A 121 -17.01 -9.06 21.87
CA ARG A 121 -16.48 -10.32 22.40
C ARG A 121 -16.11 -10.18 23.87
N GLU A 122 -16.48 -11.18 24.68
CA GLU A 122 -16.16 -11.21 26.12
C GLU A 122 -16.58 -9.94 26.87
N GLY A 123 -17.78 -9.44 26.55
CA GLY A 123 -18.34 -8.26 27.19
C GLY A 123 -17.76 -6.91 26.79
N LYS A 124 -16.96 -6.87 25.72
CA LYS A 124 -16.25 -5.64 25.31
C LYS A 124 -16.37 -5.39 23.81
N ILE A 125 -16.47 -4.11 23.45
CA ILE A 125 -16.43 -3.65 22.06
C ILE A 125 -14.98 -3.31 21.73
N HIS A 126 -14.44 -3.92 20.66
CA HIS A 126 -13.09 -3.65 20.18
C HIS A 126 -13.18 -2.99 18.81
N ARG A 127 -12.38 -1.96 18.58
CA ARG A 127 -12.40 -1.21 17.31
C ARG A 127 -11.00 -1.04 16.72
N GLN A 128 -10.92 -1.07 15.39
CA GLN A 128 -9.67 -0.79 14.66
C GLN A 128 -9.98 -0.28 13.26
N ILE A 129 -9.16 0.66 12.79
CA ILE A 129 -9.28 1.24 11.46
C ILE A 129 -8.02 0.92 10.65
N TYR A 130 -8.22 0.56 9.38
CA TYR A 130 -7.13 0.35 8.43
C TYR A 130 -7.28 1.31 7.25
N GLU A 131 -6.17 1.64 6.62
CA GLU A 131 -6.17 2.35 5.33
C GLU A 131 -5.20 1.64 4.40
N HIS A 132 -5.71 1.11 3.29
CA HIS A 132 -4.93 0.32 2.33
C HIS A 132 -4.17 -0.84 3.00
N GLY A 133 -4.82 -1.49 3.96
CA GLY A 133 -4.23 -2.60 4.71
C GLY A 133 -3.33 -2.24 5.89
N VAL A 134 -3.10 -0.95 6.12
CA VAL A 134 -2.18 -0.49 7.16
C VAL A 134 -2.98 -0.09 8.40
N PRO A 135 -2.72 -0.73 9.56
CA PRO A 135 -3.47 -0.36 10.77
C PRO A 135 -3.09 1.04 11.27
N GLN A 136 -4.10 1.84 11.61
CA GLN A 136 -3.88 3.22 12.06
C GLN A 136 -3.56 3.28 13.55
N ALA A 137 -4.08 2.32 14.32
CA ALA A 137 -3.70 2.12 15.71
C ALA A 137 -3.97 0.65 16.08
N PRO A 138 -3.44 0.20 17.23
CA PRO A 138 -3.76 -1.16 17.68
C PRO A 138 -5.25 -1.36 17.99
N LEU A 139 -5.73 -2.60 17.84
CA LEU A 139 -7.09 -2.96 18.24
C LEU A 139 -7.29 -2.54 19.69
N ALA A 140 -8.35 -1.79 19.95
CA ALA A 140 -8.56 -1.13 21.24
C ALA A 140 -9.96 -1.34 21.77
N VAL A 141 -10.07 -1.56 23.08
CA VAL A 141 -11.36 -1.69 23.75
C VAL A 141 -11.96 -0.29 23.89
N THR A 142 -13.14 -0.08 23.28
CA THR A 142 -13.82 1.23 23.29
C THR A 142 -15.10 1.28 24.14
N GLY A 143 -15.55 0.14 24.67
CA GLY A 143 -16.76 0.11 25.48
C GLY A 143 -17.15 -1.28 25.92
N GLU A 144 -18.34 -1.38 26.51
CA GLU A 144 -18.91 -2.65 26.97
C GLU A 144 -20.15 -2.99 26.15
N THR A 145 -20.48 -4.29 26.14
CA THR A 145 -21.62 -4.78 25.37
C THR A 145 -22.09 -6.15 25.85
N GLU A 146 -23.39 -6.40 25.74
CA GLU A 146 -23.99 -7.70 26.05
C GLU A 146 -23.91 -8.66 24.86
N LYS A 147 -23.95 -8.11 23.65
CA LYS A 147 -23.98 -8.90 22.42
C LYS A 147 -22.59 -9.37 21.99
N THR A 148 -22.56 -10.27 21.01
CA THR A 148 -21.32 -10.73 20.39
C THR A 148 -21.46 -10.65 18.87
N GLY A 149 -20.32 -10.51 18.18
CA GLY A 149 -20.31 -10.46 16.72
C GLY A 149 -19.12 -9.70 16.14
N THR A 150 -19.02 -9.76 14.81
CA THR A 150 -17.99 -9.05 14.06
C THR A 150 -18.64 -8.22 12.96
N MET A 151 -18.20 -6.97 12.84
CA MET A 151 -18.62 -6.07 11.78
C MET A 151 -17.40 -5.62 11.01
N VAL A 152 -17.43 -5.79 9.69
CA VAL A 152 -16.41 -5.28 8.78
C VAL A 152 -17.09 -4.38 7.77
N ARG A 153 -16.67 -3.11 7.73
CA ARG A 153 -17.10 -2.15 6.72
C ARG A 153 -15.87 -1.73 5.94
N PHE A 154 -15.95 -1.78 4.61
CA PHE A 154 -14.80 -1.46 3.76
C PHE A 154 -15.17 -0.51 2.62
N TRP A 155 -14.24 0.39 2.32
CA TRP A 155 -14.34 1.35 1.25
C TRP A 155 -13.35 0.88 0.18
N PRO A 156 -13.83 0.36 -0.97
CA PRO A 156 -12.91 -0.12 -2.00
C PRO A 156 -11.97 0.97 -2.53
N SER A 157 -10.71 0.61 -2.76
CA SER A 157 -9.74 1.55 -3.30
C SER A 157 -10.07 1.85 -4.77
N LEU A 158 -10.38 3.12 -5.05
CA LEU A 158 -10.66 3.56 -6.43
C LEU A 158 -9.42 3.65 -7.31
N GLU A 159 -8.23 3.49 -6.71
CA GLU A 159 -6.99 3.27 -7.46
C GLU A 159 -6.98 1.88 -8.11
N THR A 160 -7.40 0.86 -7.36
CA THR A 160 -7.42 -0.53 -7.85
C THR A 160 -8.63 -0.77 -8.76
N PHE A 161 -9.83 -0.45 -8.28
CA PHE A 161 -11.07 -0.76 -8.98
C PHE A 161 -11.50 0.40 -9.89
N THR A 162 -11.43 0.16 -11.20
CA THR A 162 -11.74 1.16 -12.23
C THR A 162 -12.98 0.77 -13.03
N ASN A 163 -13.51 1.74 -13.79
CA ASN A 163 -14.69 1.59 -14.65
C ASN A 163 -15.95 1.23 -13.84
N VAL A 164 -16.07 -0.02 -13.39
CA VAL A 164 -17.19 -0.45 -12.54
C VAL A 164 -16.77 -0.21 -11.09
N THR A 165 -17.09 0.97 -10.57
CA THR A 165 -16.71 1.39 -9.22
C THR A 165 -17.86 1.34 -8.19
N GLU A 166 -19.11 1.35 -8.67
CA GLU A 166 -20.29 1.36 -7.80
C GLU A 166 -20.87 -0.03 -7.65
N PHE A 167 -21.33 -0.37 -6.44
CA PHE A 167 -21.92 -1.68 -6.15
C PHE A 167 -23.32 -1.82 -6.75
N GLU A 168 -23.48 -2.80 -7.64
CA GLU A 168 -24.79 -3.18 -8.17
C GLU A 168 -25.51 -4.11 -7.20
N TYR A 169 -26.74 -3.74 -6.83
CA TYR A 169 -27.56 -4.51 -5.88
C TYR A 169 -27.86 -5.93 -6.35
N GLU A 170 -28.22 -6.06 -7.62
CA GLU A 170 -28.67 -7.33 -8.21
C GLU A 170 -27.57 -8.40 -8.23
N ILE A 171 -26.31 -7.97 -8.41
CA ILE A 171 -25.16 -8.88 -8.39
C ILE A 171 -24.95 -9.46 -6.98
N LEU A 172 -25.05 -8.61 -5.96
CA LEU A 172 -24.96 -9.07 -4.57
C LEU A 172 -26.14 -9.97 -4.19
N ALA A 173 -27.35 -9.51 -4.52
CA ALA A 173 -28.58 -10.26 -4.23
C ALA A 173 -28.60 -11.66 -4.84
N LYS A 174 -28.12 -11.79 -6.08
CA LYS A 174 -28.05 -13.08 -6.76
C LYS A 174 -27.14 -14.05 -6.00
N ARG A 175 -25.95 -13.60 -5.63
CA ARG A 175 -24.97 -14.44 -4.92
C ARG A 175 -25.44 -14.83 -3.52
N LEU A 176 -26.00 -13.87 -2.79
CA LEU A 176 -26.50 -14.13 -1.43
C LEU A 176 -27.65 -15.15 -1.42
N ARG A 177 -28.47 -15.14 -2.47
CA ARG A 177 -29.51 -16.17 -2.66
C ARG A 177 -28.88 -17.56 -2.82
N GLU A 178 -27.85 -17.67 -3.65
CA GLU A 178 -27.16 -18.96 -3.86
C GLU A 178 -26.59 -19.48 -2.54
N LEU A 179 -25.95 -18.59 -1.78
CA LEU A 179 -25.35 -18.93 -0.49
C LEU A 179 -26.37 -19.39 0.56
N SER A 180 -27.56 -18.79 0.56
CA SER A 180 -28.61 -19.17 1.52
C SER A 180 -29.03 -20.64 1.38
N PHE A 181 -29.07 -21.15 0.16
CA PHE A 181 -29.33 -22.57 -0.08
C PHE A 181 -28.20 -23.47 0.44
N LEU A 182 -26.94 -23.07 0.20
CA LEU A 182 -25.78 -23.82 0.72
C LEU A 182 -25.63 -23.73 2.23
N ASN A 183 -26.01 -22.59 2.81
CA ASN A 183 -25.90 -22.35 4.25
C ASN A 183 -27.29 -22.26 4.85
N SER A 184 -27.88 -23.43 5.08
CA SER A 184 -29.31 -23.57 5.40
C SER A 184 -29.76 -22.92 6.70
N GLY A 185 -28.94 -23.02 7.73
CA GLY A 185 -29.25 -22.44 9.04
C GLY A 185 -29.17 -20.91 9.12
N VAL A 186 -28.42 -20.30 8.20
CA VAL A 186 -28.07 -18.88 8.30
C VAL A 186 -29.07 -17.95 7.60
N SER A 187 -29.45 -16.87 8.30
CA SER A 187 -30.29 -15.81 7.74
C SER A 187 -29.40 -14.73 7.13
N ILE A 188 -29.74 -14.28 5.91
CA ILE A 188 -28.96 -13.26 5.21
C ILE A 188 -29.87 -12.10 4.79
N ARG A 189 -29.65 -10.94 5.41
CA ARG A 189 -30.38 -9.71 5.06
C ARG A 189 -29.51 -8.80 4.20
N LEU A 190 -30.08 -8.30 3.11
CA LEU A 190 -29.43 -7.34 2.23
C LEU A 190 -30.16 -6.01 2.34
N ARG A 191 -29.42 -4.91 2.46
CA ARG A 191 -29.99 -3.56 2.58
C ARG A 191 -29.25 -2.58 1.69
N ASP A 192 -29.99 -1.74 0.97
CA ASP A 192 -29.42 -0.69 0.14
C ASP A 192 -29.90 0.67 0.67
N LYS A 193 -29.00 1.43 1.28
CA LYS A 193 -29.32 2.74 1.84
C LYS A 193 -29.39 3.87 0.80
N ARG A 194 -28.99 3.58 -0.44
CA ARG A 194 -29.09 4.55 -1.54
C ARG A 194 -30.55 4.76 -1.98
N ASP A 195 -31.30 3.67 -2.12
CA ASP A 195 -32.72 3.71 -2.54
C ASP A 195 -33.69 2.99 -1.60
N GLY A 196 -33.24 2.56 -0.43
CA GLY A 196 -34.08 1.87 0.55
C GLY A 196 -34.51 0.44 0.18
N LYS A 197 -33.87 -0.16 -0.82
CA LYS A 197 -34.22 -1.51 -1.26
C LYS A 197 -33.68 -2.54 -0.28
N GLU A 198 -34.40 -3.65 -0.11
CA GLU A 198 -33.99 -4.70 0.82
C GLU A 198 -34.54 -6.09 0.46
N ASP A 199 -33.83 -7.12 0.91
CA ASP A 199 -34.22 -8.52 0.73
C ASP A 199 -33.81 -9.33 1.95
N HIS A 200 -34.44 -10.49 2.11
CA HIS A 200 -34.16 -11.40 3.23
C HIS A 200 -34.11 -12.84 2.70
N PHE A 201 -32.89 -13.39 2.63
CA PHE A 201 -32.66 -14.73 2.12
C PHE A 201 -32.47 -15.72 3.27
N HIS A 202 -33.38 -16.68 3.38
CA HIS A 202 -33.28 -17.74 4.38
C HIS A 202 -33.93 -19.04 3.86
N TYR A 203 -33.21 -20.15 4.01
CA TYR A 203 -33.67 -21.45 3.52
C TYR A 203 -34.61 -22.09 4.54
N LEU B 1 7.56 -4.06 3.08
CA LEU B 1 7.37 -2.60 3.38
C LEU B 1 6.27 -2.26 4.39
N ASP B 2 5.42 -3.25 4.74
CA ASP B 2 4.31 -3.03 5.69
C ASP B 2 4.76 -2.51 7.07
N ALA B 3 5.93 -2.94 7.53
CA ALA B 3 6.50 -2.44 8.78
C ALA B 3 6.83 -0.95 8.74
N VAL B 4 7.29 -0.47 7.58
CA VAL B 4 7.60 0.97 7.40
C VAL B 4 6.30 1.79 7.32
N ARG B 5 5.30 1.26 6.62
CA ARG B 5 4.00 1.94 6.47
C ARG B 5 3.25 2.07 7.80
N LYS B 6 3.35 1.05 8.67
CA LYS B 6 2.69 1.06 9.97
C LYS B 6 3.24 2.14 10.91
N ARG B 7 4.55 2.36 10.87
CA ARG B 7 5.22 3.37 11.70
C ARG B 7 6.30 4.10 10.89
N PRO B 8 5.89 5.07 10.04
CA PRO B 8 6.83 5.81 9.18
C PRO B 8 7.89 6.62 9.94
N GLY B 9 7.48 7.23 11.06
CA GLY B 9 8.37 8.06 11.87
C GLY B 9 9.60 7.37 12.43
N MET B 10 9.48 6.06 12.70
CA MET B 10 10.59 5.27 13.22
C MET B 10 11.73 5.07 12.21
N TYR B 11 11.42 5.18 10.92
CA TYR B 11 12.41 4.99 9.85
C TYR B 11 12.93 6.32 9.28
N ILE B 12 12.02 7.17 8.80
CA ILE B 12 12.39 8.41 8.09
C ILE B 12 12.60 9.63 9.01
N GLY B 13 12.03 9.59 10.21
CA GLY B 13 12.10 10.71 11.15
C GLY B 13 10.78 11.45 11.24
N ASP B 14 10.79 12.65 11.83
CA ASP B 14 9.56 13.40 12.08
C ASP B 14 8.88 13.82 10.76
N THR B 15 7.65 13.36 10.57
CA THR B 15 6.89 13.57 9.34
C THR B 15 6.04 14.85 9.33
N ASP B 16 6.10 15.64 10.41
CA ASP B 16 5.33 16.88 10.53
C ASP B 16 6.17 18.15 10.37
N ASP B 17 7.36 18.19 10.99
CA ASP B 17 8.19 19.42 11.02
C ASP B 17 9.07 19.67 9.78
N GLY B 18 9.11 18.73 8.84
CA GLY B 18 9.89 18.87 7.60
C GLY B 18 11.23 18.15 7.57
N THR B 19 11.70 17.68 8.73
CA THR B 19 13.00 16.98 8.80
C THR B 19 12.96 15.63 8.08
N GLY B 20 11.87 14.89 8.27
CA GLY B 20 11.65 13.63 7.55
C GLY B 20 11.55 13.81 6.04
N LEU B 21 10.83 14.85 5.61
CA LEU B 21 10.65 15.16 4.19
C LEU B 21 11.97 15.36 3.46
N HIS B 22 12.87 16.14 4.06
CA HIS B 22 14.19 16.39 3.47
C HIS B 22 15.16 15.21 3.59
N HIS B 23 15.01 14.41 4.65
CA HIS B 23 15.77 13.16 4.80
C HIS B 23 15.50 12.17 3.67
N MET B 24 14.30 12.22 3.08
CA MET B 24 13.97 11.44 1.87
C MET B 24 14.92 11.77 0.72
N VAL B 25 15.18 13.07 0.52
CA VAL B 25 16.10 13.53 -0.52
C VAL B 25 17.53 13.06 -0.21
N PHE B 26 17.96 13.26 1.03
CA PHE B 26 19.35 12.94 1.42
C PHE B 26 19.66 11.45 1.40
N GLU B 27 18.66 10.60 1.67
CA GLU B 27 18.81 9.14 1.54
C GLU B 27 19.09 8.76 0.09
N VAL B 28 18.32 9.33 -0.84
CA VAL B 28 18.52 9.07 -2.27
C VAL B 28 19.88 9.61 -2.72
N VAL B 29 20.25 10.80 -2.24
CA VAL B 29 21.54 11.43 -2.57
C VAL B 29 22.73 10.56 -2.11
N ASP B 30 22.67 10.03 -0.90
CA ASP B 30 23.72 9.12 -0.39
C ASP B 30 23.93 7.92 -1.31
N ASN B 31 22.84 7.34 -1.78
CA ASN B 31 22.88 6.25 -2.75
C ASN B 31 23.46 6.69 -4.10
N ALA B 32 23.04 7.85 -4.58
CA ALA B 32 23.50 8.41 -5.86
C ALA B 32 25.00 8.74 -5.85
N ILE B 33 25.49 9.25 -4.73
CA ILE B 33 26.89 9.58 -4.56
C ILE B 33 27.66 8.28 -4.63
N ASP B 34 27.15 7.28 -3.96
CA ASP B 34 27.76 5.99 -4.00
C ASP B 34 27.90 5.44 -5.42
N GLU B 35 26.84 5.53 -6.17
CA GLU B 35 26.81 5.10 -7.54
C GLU B 35 27.78 5.92 -8.37
N ALA B 36 27.80 7.22 -8.15
CA ALA B 36 28.65 8.15 -8.88
C ALA B 36 30.10 7.86 -8.76
N LEU B 37 30.51 7.39 -7.60
CA LEU B 37 31.90 7.07 -7.36
C LEU B 37 32.42 5.96 -8.24
N ALA B 38 31.56 5.26 -8.95
CA ALA B 38 31.99 4.17 -9.82
C ALA B 38 32.30 4.52 -11.24
N GLY B 39 31.80 5.60 -11.81
CA GLY B 39 32.18 5.99 -13.16
C GLY B 39 33.37 6.93 -13.11
N HIS B 40 33.84 7.49 -14.23
CA HIS B 40 34.98 8.44 -14.08
C HIS B 40 34.49 9.89 -13.99
N CYS B 41 33.41 10.19 -14.67
CA CYS B 41 32.89 11.52 -14.63
C CYS B 41 32.44 11.87 -13.24
N LYS B 42 31.77 10.96 -12.56
CA LYS B 42 31.28 11.16 -11.21
C LYS B 42 30.41 12.43 -11.04
N GLU B 43 29.18 12.35 -11.49
CA GLU B 43 28.32 13.51 -11.39
C GLU B 43 26.91 13.14 -10.98
N ILE B 44 26.30 13.92 -10.10
CA ILE B 44 24.90 13.73 -9.76
C ILE B 44 24.19 15.07 -9.93
N ILE B 45 22.93 15.01 -10.29
CA ILE B 45 22.10 16.16 -10.49
C ILE B 45 20.84 16.03 -9.66
N VAL B 46 20.68 16.96 -8.76
CA VAL B 46 19.51 16.98 -7.88
C VAL B 46 18.59 18.12 -8.34
N THR B 47 17.36 17.78 -8.74
CA THR B 47 16.42 18.76 -9.27
C THR B 47 15.14 18.79 -8.44
N ILE B 48 14.76 19.99 -7.97
CA ILE B 48 13.47 20.21 -7.34
C ILE B 48 12.51 20.64 -8.45
N HIS B 49 11.51 19.80 -8.73
CA HIS B 49 10.56 20.06 -9.82
C HIS B 49 9.40 20.94 -9.34
N ALA B 50 8.69 21.53 -10.30
CA ALA B 50 7.58 22.46 -10.01
C ALA B 50 6.35 21.78 -9.41
N ASP B 51 6.19 20.47 -9.66
CA ASP B 51 5.11 19.67 -9.07
C ASP B 51 5.45 19.04 -7.70
N ASN B 52 6.44 19.61 -7.01
CA ASN B 52 6.85 19.19 -5.67
C ASN B 52 7.40 17.75 -5.58
N SER B 53 8.10 17.32 -6.63
CA SER B 53 8.88 16.09 -6.62
C SER B 53 10.36 16.47 -6.68
N VAL B 54 11.22 15.53 -6.28
CA VAL B 54 12.66 15.69 -6.39
C VAL B 54 13.20 14.51 -7.21
N SER B 55 14.05 14.81 -8.19
CA SER B 55 14.76 13.78 -8.94
C SER B 55 16.25 13.85 -8.64
N VAL B 56 16.89 12.68 -8.63
CA VAL B 56 18.33 12.58 -8.43
C VAL B 56 18.89 11.68 -9.52
N GLN B 57 19.71 12.26 -10.40
CA GLN B 57 20.39 11.53 -11.47
C GLN B 57 21.82 11.23 -11.05
N ASP B 58 22.31 10.03 -11.36
CA ASP B 58 23.75 9.74 -11.28
C ASP B 58 24.23 9.14 -12.60
N ASP B 59 25.56 9.11 -12.77
CA ASP B 59 26.18 8.55 -13.97
C ASP B 59 27.01 7.30 -13.65
N GLY B 60 26.56 6.52 -12.66
CA GLY B 60 27.21 5.27 -12.28
C GLY B 60 26.86 4.14 -13.23
N ARG B 61 27.10 2.91 -12.77
CA ARG B 61 26.90 1.71 -13.59
C ARG B 61 25.42 1.36 -13.85
N GLY B 62 24.50 1.95 -13.06
CA GLY B 62 23.09 1.62 -13.13
C GLY B 62 22.78 0.51 -12.14
N ILE B 63 21.60 0.59 -11.52
CA ILE B 63 21.13 -0.47 -10.61
C ILE B 63 21.00 -1.76 -11.44
N PRO B 64 21.42 -2.93 -10.88
CA PRO B 64 21.27 -4.18 -11.63
C PRO B 64 19.83 -4.46 -12.06
N THR B 65 19.66 -4.82 -13.32
CA THR B 65 18.33 -5.01 -13.92
C THR B 65 17.90 -6.46 -14.16
N GLY B 66 18.84 -7.41 -14.04
CA GLY B 66 18.56 -8.82 -14.27
C GLY B 66 17.66 -9.44 -13.21
N ILE B 67 17.12 -10.62 -13.51
CA ILE B 67 16.12 -11.26 -12.65
C ILE B 67 16.76 -11.86 -11.39
N HIS B 68 16.22 -11.49 -10.24
CA HIS B 68 16.60 -12.09 -8.95
C HIS B 68 16.04 -13.52 -8.91
N PRO B 69 16.90 -14.52 -8.64
CA PRO B 69 16.47 -15.93 -8.74
C PRO B 69 15.44 -16.39 -7.70
N GLU B 70 15.50 -15.83 -6.50
CA GLU B 70 14.54 -16.15 -5.43
C GLU B 70 13.21 -15.42 -5.59
N GLU B 71 13.28 -14.11 -5.87
CA GLU B 71 12.09 -13.25 -5.96
C GLU B 71 11.40 -13.32 -7.31
N GLY B 72 12.14 -13.67 -8.36
CA GLY B 72 11.59 -13.82 -9.71
C GLY B 72 11.22 -12.51 -10.38
N VAL B 73 11.85 -11.41 -9.94
CA VAL B 73 11.64 -10.08 -10.50
C VAL B 73 13.00 -9.41 -10.65
N SER B 74 13.06 -8.28 -11.36
CA SER B 74 14.32 -7.55 -11.55
C SER B 74 14.98 -7.24 -10.20
N ALA B 75 16.30 -7.30 -10.17
CA ALA B 75 17.07 -6.96 -8.97
C ALA B 75 16.79 -5.53 -8.50
N ALA B 76 16.55 -4.63 -9.47
CA ALA B 76 16.14 -3.25 -9.18
C ALA B 76 14.84 -3.20 -8.37
N GLU B 77 13.85 -3.99 -8.77
CA GLU B 77 12.59 -4.06 -8.02
C GLU B 77 12.77 -4.61 -6.60
N VAL B 78 13.62 -5.63 -6.46
CA VAL B 78 13.93 -6.19 -5.14
C VAL B 78 14.56 -5.11 -4.24
N ILE B 79 15.49 -4.35 -4.80
CA ILE B 79 16.12 -3.21 -4.11
C ILE B 79 15.09 -2.16 -3.66
N MET B 80 14.13 -1.86 -4.54
CA MET B 80 13.11 -0.84 -4.26
C MET B 80 11.98 -1.30 -3.32
N THR B 81 11.79 -2.61 -3.15
CA THR B 81 10.62 -3.15 -2.41
C THR B 81 10.94 -4.03 -1.19
N VAL B 82 12.22 -4.14 -0.81
CA VAL B 82 12.62 -4.94 0.36
C VAL B 82 13.36 -4.05 1.36
N LEU B 83 13.03 -4.22 2.64
CA LEU B 83 13.60 -3.39 3.72
C LEU B 83 15.02 -3.82 4.04
N GLY B 102 22.42 3.79 6.52
CA GLY B 102 21.27 4.42 5.88
C GLY B 102 19.99 3.61 6.01
N VAL B 103 18.87 4.29 5.83
CA VAL B 103 17.54 3.65 5.96
C VAL B 103 17.14 2.81 4.74
N GLY B 104 17.81 3.01 3.61
CA GLY B 104 17.51 2.30 2.36
C GLY B 104 16.54 3.05 1.45
N VAL B 105 16.74 2.91 0.15
CA VAL B 105 15.86 3.53 -0.86
C VAL B 105 14.42 2.99 -0.82
N SER B 106 14.26 1.74 -0.37
CA SER B 106 12.93 1.14 -0.24
C SER B 106 12.02 1.87 0.75
N VAL B 107 12.61 2.49 1.77
CA VAL B 107 11.86 3.34 2.71
C VAL B 107 11.35 4.60 1.99
N VAL B 108 12.19 5.21 1.17
CA VAL B 108 11.80 6.38 0.37
C VAL B 108 10.66 6.01 -0.59
N ASN B 109 10.80 4.85 -1.22
CA ASN B 109 9.77 4.32 -2.15
C ASN B 109 8.44 4.09 -1.44
N ALA B 110 8.48 3.44 -0.27
CA ALA B 110 7.27 3.16 0.53
C ALA B 110 6.49 4.41 0.92
N LEU B 111 7.21 5.49 1.25
CA LEU B 111 6.61 6.75 1.69
C LEU B 111 6.45 7.79 0.57
N SER B 112 6.58 7.35 -0.68
CA SER B 112 6.33 8.20 -1.85
C SER B 112 5.04 7.77 -2.54
N GLN B 113 4.10 8.69 -2.72
CA GLN B 113 2.87 8.42 -3.48
C GLN B 113 3.13 8.06 -4.94
N LYS B 114 4.24 8.54 -5.49
CA LYS B 114 4.74 8.06 -6.78
C LYS B 114 6.27 8.06 -6.77
N LEU B 115 6.87 7.12 -7.48
CA LEU B 115 8.31 7.09 -7.71
C LEU B 115 8.59 6.57 -9.12
N GLU B 116 9.40 7.32 -9.87
CA GLU B 116 9.84 6.94 -11.21
C GLU B 116 11.29 6.50 -11.14
N LEU B 117 11.58 5.31 -11.71
CA LEU B 117 12.93 4.76 -11.76
C LEU B 117 13.34 4.62 -13.22
N VAL B 118 14.46 5.23 -13.60
CA VAL B 118 15.03 5.09 -14.95
C VAL B 118 16.50 4.66 -14.82
N ILE B 119 16.82 3.47 -15.35
CA ILE B 119 18.16 2.91 -15.28
C ILE B 119 18.73 2.77 -16.69
N GLN B 120 19.92 3.32 -16.90
CA GLN B 120 20.66 3.17 -18.15
C GLN B 120 21.81 2.20 -17.88
N ARG B 121 21.83 1.09 -18.61
CA ARG B 121 22.76 -0.02 -18.34
C ARG B 121 22.79 -0.99 -19.51
N GLU B 122 23.98 -1.45 -19.88
CA GLU B 122 24.17 -2.43 -20.96
C GLU B 122 23.49 -2.02 -22.28
N GLY B 123 23.58 -0.74 -22.62
CA GLY B 123 23.03 -0.20 -23.86
C GLY B 123 21.53 0.05 -23.91
N LYS B 124 20.85 -0.09 -22.76
CA LYS B 124 19.38 -0.06 -22.71
C LYS B 124 18.85 0.86 -21.62
N ILE B 125 17.73 1.53 -21.91
CA ILE B 125 16.99 2.32 -20.94
C ILE B 125 15.92 1.42 -20.32
N HIS B 126 15.90 1.34 -18.99
CA HIS B 126 14.91 0.56 -18.25
C HIS B 126 14.04 1.52 -17.46
N ARG B 127 12.72 1.30 -17.47
CA ARG B 127 11.77 2.18 -16.78
C ARG B 127 10.80 1.41 -15.89
N GLN B 128 10.50 1.98 -14.72
CA GLN B 128 9.48 1.42 -13.82
C GLN B 128 8.87 2.52 -12.96
N ILE B 129 7.56 2.41 -12.72
CA ILE B 129 6.82 3.34 -11.88
C ILE B 129 6.33 2.60 -10.64
N TYR B 130 6.40 3.27 -9.49
CA TYR B 130 5.83 2.77 -8.24
C TYR B 130 4.81 3.78 -7.72
N GLU B 131 3.84 3.28 -6.95
CA GLU B 131 2.92 4.13 -6.18
C GLU B 131 2.81 3.56 -4.78
N HIS B 132 3.24 4.34 -3.77
CA HIS B 132 3.30 3.90 -2.37
C HIS B 132 4.08 2.59 -2.19
N GLY B 133 5.19 2.46 -2.93
CA GLY B 133 6.04 1.26 -2.88
C GLY B 133 5.62 0.09 -3.76
N VAL B 134 4.45 0.17 -4.39
CA VAL B 134 3.90 -0.93 -5.19
C VAL B 134 4.26 -0.69 -6.65
N PRO B 135 4.99 -1.62 -7.29
CA PRO B 135 5.29 -1.46 -8.71
C PRO B 135 4.03 -1.61 -9.57
N GLN B 136 3.86 -0.70 -10.53
CA GLN B 136 2.67 -0.69 -11.40
C GLN B 136 2.82 -1.62 -12.59
N ALA B 137 4.05 -1.90 -13.00
CA ALA B 137 4.37 -2.93 -13.99
C ALA B 137 5.81 -3.42 -13.78
N PRO B 138 6.17 -4.56 -14.40
CA PRO B 138 7.58 -4.99 -14.33
C PRO B 138 8.53 -4.00 -15.02
N LEU B 139 9.76 -3.93 -14.52
CA LEU B 139 10.84 -3.14 -15.15
C LEU B 139 10.91 -3.51 -16.61
N ALA B 140 10.85 -2.50 -17.49
CA ALA B 140 10.73 -2.72 -18.93
C ALA B 140 11.83 -1.97 -19.67
N VAL B 141 12.45 -2.62 -20.65
CA VAL B 141 13.38 -1.95 -21.56
C VAL B 141 12.55 -1.16 -22.56
N THR B 142 12.73 0.16 -22.56
CA THR B 142 11.95 1.07 -23.40
C THR B 142 12.75 1.76 -24.51
N GLY B 143 14.07 1.55 -24.55
CA GLY B 143 14.88 2.21 -25.56
C GLY B 143 16.37 1.89 -25.47
N GLU B 144 17.15 2.70 -26.17
CA GLU B 144 18.60 2.50 -26.27
C GLU B 144 19.35 3.74 -25.77
N THR B 145 20.58 3.51 -25.33
CA THR B 145 21.43 4.58 -24.80
C THR B 145 22.90 4.18 -24.81
N GLU B 146 23.77 5.16 -25.01
CA GLU B 146 25.23 4.98 -24.90
C GLU B 146 25.74 5.26 -23.48
N LYS B 147 24.90 5.88 -22.65
CA LYS B 147 25.28 6.29 -21.29
C LYS B 147 24.88 5.23 -20.26
N THR B 148 25.35 5.43 -19.04
CA THR B 148 24.97 4.61 -17.89
C THR B 148 24.55 5.50 -16.73
N GLY B 149 23.72 4.95 -15.85
CA GLY B 149 23.29 5.69 -14.65
C GLY B 149 21.92 5.31 -14.13
N THR B 150 21.56 5.91 -13.00
CA THR B 150 20.28 5.69 -12.35
C THR B 150 19.63 7.04 -12.03
N MET B 151 18.34 7.15 -12.34
CA MET B 151 17.55 8.32 -12.01
C MET B 151 16.37 7.87 -11.15
N VAL B 152 16.25 8.45 -9.97
CA VAL B 152 15.08 8.25 -9.09
C VAL B 152 14.40 9.61 -8.92
N ARG B 153 13.13 9.67 -9.30
CA ARG B 153 12.29 10.84 -9.06
C ARG B 153 11.14 10.40 -8.17
N PHE B 154 10.93 11.09 -7.05
CA PHE B 154 9.89 10.69 -6.10
C PHE B 154 8.99 11.86 -5.69
N TRP B 155 7.71 11.53 -5.51
CA TRP B 155 6.69 12.45 -5.06
C TRP B 155 6.35 12.01 -3.63
N PRO B 156 6.74 12.82 -2.62
CA PRO B 156 6.45 12.44 -1.22
C PRO B 156 4.96 12.25 -0.96
N SER B 157 4.61 11.20 -0.21
CA SER B 157 3.21 10.91 0.09
C SER B 157 2.65 11.96 1.04
N LEU B 158 1.62 12.67 0.58
CA LEU B 158 0.95 13.69 1.39
C LEU B 158 0.07 13.09 2.50
N GLU B 159 -0.17 11.78 2.43
CA GLU B 159 -0.80 11.03 3.53
C GLU B 159 0.15 10.86 4.73
N THR B 160 1.46 10.77 4.47
CA THR B 160 2.48 10.64 5.52
C THR B 160 3.03 12.00 5.94
N PHE B 161 3.49 12.78 4.97
CA PHE B 161 4.15 14.06 5.24
C PHE B 161 3.14 15.20 5.33
N THR B 162 2.94 15.70 6.55
CA THR B 162 1.93 16.74 6.85
C THR B 162 2.59 18.05 7.26
N ASN B 163 1.79 19.12 7.25
CA ASN B 163 2.19 20.48 7.63
C ASN B 163 3.28 21.06 6.71
N VAL B 164 4.53 20.60 6.85
CA VAL B 164 5.64 21.01 5.99
C VAL B 164 5.75 20.02 4.84
N THR B 165 5.10 20.34 3.72
CA THR B 165 5.04 19.46 2.55
C THR B 165 5.98 19.86 1.39
N GLU B 166 6.37 21.13 1.34
CA GLU B 166 7.19 21.65 0.24
C GLU B 166 8.68 21.62 0.57
N PHE B 167 9.51 21.36 -0.44
CA PHE B 167 10.96 21.33 -0.28
C PHE B 167 11.53 22.74 -0.21
N GLU B 168 12.60 22.90 0.57
CA GLU B 168 13.24 24.18 0.82
C GLU B 168 14.64 24.10 0.20
N TYR B 169 14.92 25.03 -0.72
CA TYR B 169 16.17 25.04 -1.47
C TYR B 169 17.41 25.10 -0.56
N GLU B 170 17.36 25.97 0.43
CA GLU B 170 18.49 26.22 1.33
C GLU B 170 18.91 25.00 2.15
N ILE B 171 17.94 24.18 2.57
CA ILE B 171 18.23 22.97 3.34
C ILE B 171 19.01 21.96 2.48
N LEU B 172 18.60 21.81 1.21
CA LEU B 172 19.30 20.94 0.27
C LEU B 172 20.65 21.53 -0.14
N ALA B 173 20.64 22.82 -0.50
CA ALA B 173 21.86 23.53 -0.94
C ALA B 173 22.99 23.47 0.09
N LYS B 174 22.64 23.68 1.37
CA LYS B 174 23.63 23.63 2.45
C LYS B 174 24.22 22.23 2.62
N ARG B 175 23.36 21.22 2.67
CA ARG B 175 23.78 19.83 2.87
C ARG B 175 24.66 19.31 1.73
N LEU B 176 24.27 19.63 0.49
CA LEU B 176 25.04 19.20 -0.69
C LEU B 176 26.43 19.85 -0.76
N ARG B 177 26.54 21.08 -0.26
CA ARG B 177 27.85 21.76 -0.14
C ARG B 177 28.75 21.05 0.88
N GLU B 178 28.19 20.70 2.05
CA GLU B 178 28.94 19.97 3.08
C GLU B 178 29.41 18.62 2.52
N LEU B 179 28.52 17.93 1.81
CA LEU B 179 28.82 16.64 1.18
C LEU B 179 29.95 16.71 0.14
N SER B 180 29.98 17.79 -0.64
CA SER B 180 30.99 17.95 -1.71
C SER B 180 32.42 17.88 -1.17
N PHE B 181 32.66 18.46 0.00
CA PHE B 181 34.00 18.45 0.62
C PHE B 181 34.43 17.08 1.16
N LEU B 182 33.47 16.21 1.48
CA LEU B 182 33.76 14.82 1.89
C LEU B 182 33.87 13.84 0.71
N ASN B 183 33.44 14.27 -0.48
CA ASN B 183 33.42 13.42 -1.67
C ASN B 183 34.19 14.09 -2.81
N SER B 184 35.51 13.91 -2.81
CA SER B 184 36.38 14.57 -3.79
C SER B 184 36.18 14.01 -5.20
N GLY B 185 36.10 14.92 -6.17
CA GLY B 185 35.90 14.56 -7.58
C GLY B 185 34.45 14.41 -8.01
N VAL B 186 33.51 14.42 -7.05
CA VAL B 186 32.09 14.25 -7.36
C VAL B 186 31.46 15.60 -7.65
N SER B 187 30.93 15.77 -8.86
CA SER B 187 30.21 16.98 -9.25
C SER B 187 28.77 16.87 -8.75
N ILE B 188 28.32 17.86 -7.97
CA ILE B 188 26.96 17.90 -7.43
C ILE B 188 26.26 19.16 -7.93
N ARG B 189 25.30 18.98 -8.84
CA ARG B 189 24.49 20.08 -9.37
C ARG B 189 23.13 20.09 -8.70
N LEU B 190 22.71 21.27 -8.24
CA LEU B 190 21.38 21.47 -7.66
C LEU B 190 20.61 22.44 -8.56
N ARG B 191 19.36 22.11 -8.85
CA ARG B 191 18.51 22.90 -9.75
C ARG B 191 17.10 23.04 -9.16
N ASP B 192 16.59 24.27 -9.13
CA ASP B 192 15.23 24.54 -8.67
C ASP B 192 14.42 25.03 -9.88
N LYS B 193 13.50 24.19 -10.35
CA LYS B 193 12.64 24.53 -11.49
C LYS B 193 11.49 25.47 -11.14
N ARG B 194 11.22 25.69 -9.84
CA ARG B 194 10.18 26.62 -9.39
C ARG B 194 10.56 28.08 -9.66
N ASP B 195 11.82 28.45 -9.38
CA ASP B 195 12.32 29.82 -9.59
C ASP B 195 13.61 29.94 -10.44
N GLY B 196 14.08 28.82 -11.00
CA GLY B 196 15.29 28.82 -11.85
C GLY B 196 16.63 28.92 -11.14
N LYS B 197 16.64 28.84 -9.80
CA LYS B 197 17.87 28.93 -9.01
C LYS B 197 18.68 27.64 -9.14
N GLU B 198 20.00 27.77 -9.24
CA GLU B 198 20.88 26.60 -9.33
C GLU B 198 22.25 26.82 -8.66
N ASP B 199 22.90 25.70 -8.33
CA ASP B 199 24.24 25.69 -7.76
C ASP B 199 25.04 24.51 -8.29
N HIS B 200 26.36 24.60 -8.16
CA HIS B 200 27.28 23.53 -8.59
C HIS B 200 28.41 23.39 -7.57
N PHE B 201 28.34 22.31 -6.77
CA PHE B 201 29.33 22.00 -5.75
C PHE B 201 30.25 20.91 -6.28
N HIS B 202 31.51 21.24 -6.54
CA HIS B 202 32.46 20.32 -7.16
C HIS B 202 33.87 20.56 -6.58
N TYR B 203 34.18 19.80 -5.53
CA TYR B 203 35.46 19.88 -4.83
C TYR B 203 36.37 18.78 -5.37
N GLU B 204 37.57 19.15 -5.82
CA GLU B 204 38.51 18.21 -6.48
C GLU B 204 39.80 18.01 -5.67
N GLY B 205 39.69 18.07 -4.34
CA GLY B 205 40.86 18.06 -3.46
C GLY B 205 41.37 16.66 -3.10
N GLY B 206 42.68 16.54 -2.93
CA GLY B 206 43.31 15.27 -2.53
C GLY B 206 43.37 14.27 -3.66
#